data_5BYJ
#
_entry.id   5BYJ
#
_cell.length_a   140.542
_cell.length_b   39.237
_cell.length_c   54.009
_cell.angle_alpha   90.00
_cell.angle_beta   90.00
_cell.angle_gamma   90.00
#
_symmetry.space_group_name_H-M   'P 21 21 2'
#
loop_
_entity.id
_entity.type
_entity.pdbx_description
1 polymer Sulfotransferase
2 non-polymer "ADENOSINE-3'-5'-DIPHOSPHATE"
3 non-polymer {(2R)-7-nitro-2-[(propan-2-ylamino)methyl]-1,2,3,4-tetrahydroquinolin-6-yl}methanol
4 water water
#
_entity_poly.entity_id   1
_entity_poly.type   'polypeptide(L)'
_entity_poly.pdbx_seq_one_letter_code
;GAMIESSTTIQVISAGLPRTGTKSLKNALEIIYHKPCYHMFEIIFNKQSDIIKWQNLIHDSHMITTPPPLTTKTIAIYDK
LKELLDGYIATTDLPTCGFYKDLMNIYPNAKVLLTIRDKYDWLHSLRKVVLPKSNDPWKLKIEEGDKVLGLNSDFYKLTE
DSLKFAFQKDDLNFDDDQVLLECYDEYNRLVQETVPSDRLLVLRLGDGWEPLCKFLNVEIPNGIDYPCVNSHHQMTQLTE
QLIKYKSLDAIIHMFPDLI
;
_entity_poly.pdbx_strand_id   A
#
loop_
_chem_comp.id
_chem_comp.type
_chem_comp.name
_chem_comp.formula
A3P RNA linking ADENOSINE-3'-5'-DIPHOSPHATE 'C10 H15 N5 O10 P2'
OQR non-polymer {(2R)-7-nitro-2-[(propan-2-ylamino)methyl]-1,2,3,4-tetrahydroquinolin-6-yl}methanol 'C14 H21 N3 O3'
#
# COMPACT_ATOMS: atom_id res chain seq x y z
N GLY A 1 22.49 -2.38 19.81
CA GLY A 1 23.08 -3.36 18.92
C GLY A 1 24.08 -2.73 17.97
N ALA A 2 24.80 -3.57 17.24
CA ALA A 2 25.80 -3.07 16.30
C ALA A 2 25.13 -2.58 15.04
N MET A 3 25.76 -1.62 14.40
CA MET A 3 25.31 -1.12 13.10
C MET A 3 25.88 -2.01 12.00
N ILE A 4 25.01 -2.54 11.13
CA ILE A 4 25.47 -3.37 10.02
C ILE A 4 25.03 -2.78 8.68
N GLU A 5 25.73 -3.12 7.61
CA GLU A 5 25.46 -2.49 6.33
C GLU A 5 24.45 -3.30 5.56
N SER A 6 23.24 -2.76 5.51
CA SER A 6 22.08 -3.40 4.92
C SER A 6 22.07 -3.26 3.40
N SER A 7 21.61 -4.30 2.71
CA SER A 7 21.48 -4.28 1.24
C SER A 7 20.28 -3.46 0.75
N THR A 8 20.48 -2.60 -0.27
CA THR A 8 19.35 -1.82 -0.78
C THR A 8 18.61 -2.62 -1.85
N THR A 9 17.73 -3.49 -1.38
CA THR A 9 16.91 -4.36 -2.20
C THR A 9 15.67 -4.65 -1.39
N ILE A 10 14.61 -5.16 -2.02
CA ILE A 10 13.39 -5.41 -1.26
C ILE A 10 13.61 -6.46 -0.18
N GLN A 11 13.41 -6.05 1.07
CA GLN A 11 13.66 -6.92 2.22
C GLN A 11 12.37 -7.32 2.91
N VAL A 12 11.31 -6.55 2.66
CA VAL A 12 10.02 -6.79 3.25
C VAL A 12 8.93 -6.58 2.21
N ILE A 13 8.07 -7.57 2.04
CA ILE A 13 6.93 -7.49 1.16
C ILE A 13 5.67 -7.41 1.99
N SER A 14 4.97 -6.28 1.96
CA SER A 14 3.73 -6.23 2.76
C SER A 14 2.50 -6.46 1.91
N ALA A 15 1.76 -7.52 2.23
CA ALA A 15 0.58 -7.93 1.48
C ALA A 15 -0.71 -7.23 1.95
N GLY A 16 -0.62 -6.46 3.03
CA GLY A 16 -1.80 -5.82 3.58
C GLY A 16 -2.52 -4.85 2.64
N LEU A 17 -3.85 -4.82 2.72
CA LEU A 17 -4.68 -3.98 1.86
C LEU A 17 -4.66 -2.54 2.34
N PRO A 18 -5.05 -1.59 1.46
CA PRO A 18 -5.11 -0.20 1.94
C PRO A 18 -6.03 -0.05 3.16
N ARG A 19 -5.75 0.95 4.00
CA ARG A 19 -6.50 1.26 5.23
C ARG A 19 -6.31 0.20 6.32
N THR A 20 -5.17 -0.50 6.31
CA THR A 20 -4.82 -1.46 7.36
C THR A 20 -3.54 -1.09 8.11
N GLY A 21 -3.11 0.15 7.99
CA GLY A 21 -1.90 0.60 8.66
C GLY A 21 -0.67 0.62 7.76
N THR A 22 -0.87 0.73 6.45
CA THR A 22 0.25 0.63 5.52
C THR A 22 1.15 1.84 5.58
N LYS A 23 0.60 3.03 5.79
CA LYS A 23 1.46 4.21 5.79
C LYS A 23 2.31 4.26 7.07
N SER A 24 1.72 3.87 8.19
CA SER A 24 2.49 3.76 9.44
C SER A 24 3.60 2.73 9.26
N LEU A 25 3.30 1.63 8.58
CA LEU A 25 4.29 0.58 8.36
C LEU A 25 5.39 1.08 7.42
N LYS A 26 4.99 1.79 6.37
CA LYS A 26 5.95 2.43 5.47
C LYS A 26 6.90 3.32 6.28
N ASN A 27 6.34 4.18 7.13
CA ASN A 27 7.17 5.06 7.95
C ASN A 27 8.08 4.25 8.87
N ALA A 28 7.53 3.18 9.45
CA ALA A 28 8.28 2.34 10.37
C ALA A 28 9.45 1.65 9.68
N LEU A 29 9.22 1.14 8.48
CA LEU A 29 10.29 0.45 7.76
C LEU A 29 11.36 1.45 7.33
N GLU A 30 10.98 2.68 7.01
CA GLU A 30 11.99 3.68 6.66
C GLU A 30 12.79 4.11 7.88
N ILE A 31 12.15 4.12 9.05
CA ILE A 31 12.88 4.39 10.27
C ILE A 31 13.89 3.28 10.59
N ILE A 32 13.54 2.03 10.28
CA ILE A 32 14.45 0.92 10.53
C ILE A 32 15.61 0.87 9.52
N TYR A 33 15.27 0.99 8.23
CA TYR A 33 16.22 0.67 7.16
C TYR A 33 16.92 1.90 6.57
N HIS A 34 16.36 3.09 6.83
CA HIS A 34 16.93 4.34 6.34
C HIS A 34 17.01 4.38 4.82
N LYS A 35 16.09 3.69 4.17
CA LYS A 35 15.96 3.73 2.71
C LYS A 35 14.47 3.75 2.44
N PRO A 36 14.06 4.13 1.21
CA PRO A 36 12.62 4.32 0.96
C PRO A 36 11.83 3.03 0.89
N CYS A 37 10.55 3.13 1.28
CA CYS A 37 9.61 2.04 1.16
C CYS A 37 8.51 2.43 0.15
N TYR A 38 8.14 1.53 -0.73
CA TYR A 38 7.11 1.87 -1.73
C TYR A 38 5.72 1.90 -1.09
N HIS A 39 4.85 2.78 -1.59
CA HIS A 39 3.52 2.99 -1.04
C HIS A 39 2.75 3.80 -2.09
N MET A 40 1.43 3.81 -2.05
CA MET A 40 0.70 4.66 -2.99
C MET A 40 1.14 6.13 -2.85
N PHE A 41 1.49 6.54 -1.65
CA PHE A 41 1.94 7.91 -1.43
C PHE A 41 3.22 8.19 -2.22
N GLU A 42 4.04 7.17 -2.43
CA GLU A 42 5.26 7.33 -3.20
C GLU A 42 4.95 7.70 -4.64
N ILE A 43 3.90 7.08 -5.17
CA ILE A 43 3.45 7.36 -6.52
C ILE A 43 2.87 8.76 -6.60
N ILE A 44 1.97 9.09 -5.67
CA ILE A 44 1.28 10.37 -5.70
C ILE A 44 2.20 11.57 -5.54
N PHE A 45 3.18 11.45 -4.66
CA PHE A 45 4.00 12.62 -4.34
C PHE A 45 5.35 12.63 -5.04
N ASN A 46 5.88 11.46 -5.36
CA ASN A 46 7.22 11.41 -5.94
C ASN A 46 7.29 10.84 -7.35
N LYS A 47 6.39 9.92 -7.69
CA LYS A 47 6.54 9.17 -8.94
C LYS A 47 5.25 9.01 -9.75
N GLN A 48 4.59 10.10 -10.11
CA GLN A 48 3.35 9.97 -10.87
C GLN A 48 3.59 9.34 -12.25
N SER A 49 4.81 9.42 -12.76
CA SER A 49 5.12 8.79 -14.06
C SER A 49 5.05 7.26 -14.00
N ASP A 50 5.05 6.71 -12.78
CA ASP A 50 4.94 5.27 -12.56
C ASP A 50 3.52 4.77 -12.79
N ILE A 51 2.55 5.67 -12.77
CA ILE A 51 1.15 5.23 -12.83
C ILE A 51 0.90 4.39 -14.07
N ILE A 52 1.35 4.86 -15.22
CA ILE A 52 1.10 4.10 -16.44
C ILE A 52 1.89 2.79 -16.45
N LYS A 53 3.03 2.76 -15.77
CA LYS A 53 3.83 1.55 -15.73
C LYS A 53 3.14 0.47 -14.92
N TRP A 54 2.55 0.85 -13.79
CA TRP A 54 1.79 -0.11 -12.99
C TRP A 54 0.56 -0.55 -13.76
N GLN A 55 -0.10 0.38 -14.45
CA GLN A 55 -1.28 0.03 -15.21
C GLN A 55 -0.95 -1.00 -16.29
N ASN A 56 0.13 -0.76 -17.02
CA ASN A 56 0.60 -1.72 -18.02
C ASN A 56 0.90 -3.09 -17.40
N LEU A 57 1.53 -3.11 -16.22
CA LEU A 57 1.93 -4.34 -15.56
C LEU A 57 0.69 -5.16 -15.20
N ILE A 58 -0.29 -4.48 -14.63
CA ILE A 58 -1.55 -5.14 -14.27
C ILE A 58 -2.25 -5.69 -15.51
N HIS A 59 -2.26 -4.90 -16.57
CA HIS A 59 -2.84 -5.34 -17.84
C HIS A 59 -2.18 -6.64 -18.32
N ASP A 60 -0.87 -6.71 -18.23
CA ASP A 60 -0.14 -7.88 -18.71
C ASP A 60 -0.14 -9.07 -17.75
N SER A 61 -0.64 -8.85 -16.53
CA SER A 61 -0.48 -9.82 -15.46
C SER A 61 -1.34 -11.08 -15.49
N HIS A 62 -2.38 -11.10 -16.32
CA HIS A 62 -3.14 -12.33 -16.49
C HIS A 62 -2.20 -13.39 -17.06
N MET A 63 -1.19 -12.94 -17.79
CA MET A 63 -0.29 -13.84 -18.47
C MET A 63 0.89 -14.26 -17.61
N ILE A 64 0.67 -14.27 -16.30
CA ILE A 64 1.66 -14.80 -15.37
C ILE A 64 1.29 -16.26 -15.05
N THR A 65 2.27 -17.14 -15.16
CA THR A 65 2.13 -18.51 -14.69
C THR A 65 3.17 -18.80 -13.61
N THR A 66 2.75 -19.51 -12.57
CA THR A 66 3.58 -19.76 -11.39
C THR A 66 4.88 -20.51 -11.73
N LEU A 70 8.95 -21.25 -16.02
CA LEU A 70 8.43 -19.89 -16.01
C LEU A 70 8.37 -19.33 -17.43
N THR A 71 7.21 -18.85 -17.85
CA THR A 71 7.07 -18.41 -19.22
C THR A 71 7.96 -17.23 -19.56
N THR A 72 8.29 -17.10 -20.84
CA THR A 72 9.02 -15.95 -21.31
C THR A 72 8.28 -14.69 -20.87
N LYS A 73 6.96 -14.76 -20.89
CA LYS A 73 6.13 -13.60 -20.59
C LYS A 73 6.23 -13.22 -19.10
N THR A 74 6.51 -14.22 -18.26
CA THR A 74 6.62 -14.01 -16.82
C THR A 74 7.87 -13.21 -16.50
N ILE A 75 8.98 -13.61 -17.12
CA ILE A 75 10.25 -12.94 -16.93
C ILE A 75 10.17 -11.46 -17.34
N ALA A 76 9.42 -11.15 -18.40
CA ALA A 76 9.27 -9.76 -18.82
C ALA A 76 8.56 -8.94 -17.74
N ILE A 77 7.51 -9.54 -17.17
CA ILE A 77 6.76 -8.91 -16.10
C ILE A 77 7.64 -8.76 -14.86
N TYR A 78 8.35 -9.83 -14.51
CA TYR A 78 9.19 -9.79 -13.31
C TYR A 78 10.25 -8.72 -13.44
N ASP A 79 10.79 -8.57 -14.65
CA ASP A 79 11.80 -7.55 -14.93
C ASP A 79 11.25 -6.15 -14.74
N LYS A 80 9.99 -5.96 -15.09
CA LYS A 80 9.38 -4.64 -14.97
C LYS A 80 9.12 -4.33 -13.50
N LEU A 81 8.70 -5.35 -12.76
CA LEU A 81 8.50 -5.21 -11.32
C LEU A 81 9.79 -4.83 -10.60
N LYS A 82 10.90 -5.50 -10.93
CA LYS A 82 12.20 -5.16 -10.37
C LYS A 82 12.60 -3.74 -10.71
N GLU A 83 12.37 -3.34 -11.96
CA GLU A 83 12.65 -1.97 -12.38
C GLU A 83 11.89 -0.94 -11.56
N LEU A 84 10.58 -1.15 -11.42
CA LEU A 84 9.74 -0.23 -10.66
C LEU A 84 10.23 -0.08 -9.22
N LEU A 85 10.77 -1.17 -8.67
CA LEU A 85 11.08 -1.18 -7.24
C LEU A 85 12.56 -1.00 -6.95
N ASP A 86 13.34 -0.61 -7.96
CA ASP A 86 14.76 -0.42 -7.75
C ASP A 86 15.01 0.73 -6.80
N GLY A 87 15.89 0.49 -5.82
CA GLY A 87 16.22 1.50 -4.84
C GLY A 87 15.36 1.51 -3.58
N TYR A 88 14.33 0.66 -3.54
CA TYR A 88 13.45 0.57 -2.38
C TYR A 88 13.78 -0.64 -1.53
N ILE A 89 13.43 -0.59 -0.25
CA ILE A 89 13.80 -1.72 0.62
C ILE A 89 12.57 -2.49 1.06
N ALA A 90 11.39 -2.01 0.66
CA ALA A 90 10.14 -2.68 1.03
C ALA A 90 8.99 -2.20 0.16
N THR A 91 7.90 -2.97 0.15
CA THR A 91 6.68 -2.58 -0.55
C THR A 91 5.51 -2.63 0.40
N THR A 92 4.59 -1.67 0.29
CA THR A 92 3.32 -1.73 1.02
C THR A 92 2.21 -1.18 0.10
N ASP A 93 0.96 -1.51 0.41
CA ASP A 93 -0.20 -0.79 -0.15
C ASP A 93 -0.43 -1.17 -1.62
N LEU A 94 -1.55 -0.70 -2.17
CA LEU A 94 -1.75 -0.71 -3.62
C LEU A 94 -0.68 0.16 -4.24
N PRO A 95 -0.27 -0.13 -5.49
CA PRO A 95 -0.73 -1.26 -6.30
C PRO A 95 0.07 -2.54 -6.04
N THR A 96 1.05 -2.49 -5.16
CA THR A 96 1.99 -3.61 -5.04
C THR A 96 1.40 -4.83 -4.31
N CYS A 97 0.48 -4.61 -3.38
CA CYS A 97 0.14 -5.69 -2.44
C CYS A 97 -0.43 -6.92 -3.15
N GLY A 98 -1.15 -6.70 -4.25
CA GLY A 98 -1.69 -7.80 -5.02
C GLY A 98 -0.62 -8.63 -5.74
N PHE A 99 0.58 -8.08 -5.86
CA PHE A 99 1.68 -8.79 -6.49
C PHE A 99 2.53 -9.60 -5.50
N TYR A 100 2.04 -9.83 -4.28
CA TYR A 100 2.91 -10.38 -3.24
C TYR A 100 3.52 -11.73 -3.63
N LYS A 101 2.77 -12.60 -4.29
CA LYS A 101 3.31 -13.90 -4.73
C LYS A 101 4.46 -13.75 -5.71
N ASP A 102 4.32 -12.85 -6.67
CA ASP A 102 5.38 -12.63 -7.65
C ASP A 102 6.58 -11.97 -7.00
N LEU A 103 6.33 -11.01 -6.11
CA LEU A 103 7.43 -10.38 -5.37
C LEU A 103 8.21 -11.44 -4.57
N MET A 104 7.53 -12.43 -4.01
CA MET A 104 8.21 -13.48 -3.26
C MET A 104 9.15 -14.30 -4.13
N ASN A 105 8.80 -14.45 -5.40
CA ASN A 105 9.66 -15.16 -6.36
C ASN A 105 10.85 -14.31 -6.77
N ILE A 106 10.59 -13.04 -7.02
CA ILE A 106 11.62 -12.10 -7.44
C ILE A 106 12.62 -11.82 -6.33
N TYR A 107 12.14 -11.72 -5.09
CA TYR A 107 12.98 -11.46 -3.93
C TYR A 107 12.88 -12.62 -2.96
N PRO A 108 13.60 -13.72 -3.25
CA PRO A 108 13.44 -14.93 -2.44
C PRO A 108 13.92 -14.78 -0.99
N ASN A 109 14.73 -13.76 -0.70
CA ASN A 109 15.19 -13.55 0.67
C ASN A 109 14.42 -12.46 1.42
N ALA A 110 13.32 -12.00 0.84
CA ALA A 110 12.46 -11.01 1.50
C ALA A 110 11.41 -11.71 2.35
N LYS A 111 11.09 -11.09 3.48
CA LYS A 111 10.06 -11.62 4.36
C LYS A 111 8.73 -10.93 4.04
N VAL A 112 7.63 -11.56 4.41
CA VAL A 112 6.31 -11.08 4.03
C VAL A 112 5.52 -10.64 5.29
N LEU A 113 4.85 -9.50 5.18
CA LEU A 113 3.98 -9.00 6.24
C LEU A 113 2.54 -9.00 5.77
N LEU A 114 1.62 -9.20 6.71
CA LEU A 114 0.21 -8.97 6.40
C LEU A 114 -0.36 -8.07 7.48
N THR A 115 -0.77 -6.86 7.10
CA THR A 115 -1.43 -5.97 8.05
C THR A 115 -2.94 -6.21 7.99
N ILE A 116 -3.58 -6.33 9.15
CA ILE A 116 -5.02 -6.61 9.18
C ILE A 116 -5.69 -5.79 10.28
N ARG A 117 -7.03 -5.77 10.24
CA ARG A 117 -7.83 -5.09 11.25
C ARG A 117 -9.28 -5.57 11.13
N ASP A 118 -10.11 -5.10 12.04
CA ASP A 118 -11.55 -5.37 12.01
C ASP A 118 -12.12 -5.01 10.64
N LYS A 119 -12.86 -5.93 10.02
CA LYS A 119 -13.33 -5.74 8.63
C LYS A 119 -14.28 -4.55 8.48
N TYR A 120 -15.07 -4.26 9.52
CA TYR A 120 -16.02 -3.16 9.43
C TYR A 120 -15.30 -1.84 9.59
N ASP A 121 -14.30 -1.79 10.47
CA ASP A 121 -13.47 -0.61 10.62
C ASP A 121 -12.73 -0.34 9.31
N TRP A 122 -12.28 -1.42 8.67
CA TRP A 122 -11.60 -1.30 7.39
C TRP A 122 -12.54 -0.70 6.33
N LEU A 123 -13.74 -1.26 6.22
CA LEU A 123 -14.68 -0.80 5.22
C LEU A 123 -15.01 0.68 5.41
N HIS A 124 -15.29 1.05 6.66
N HIS A 124 -15.27 1.07 6.66
CA HIS A 124 -15.62 2.42 6.99
CA HIS A 124 -15.63 2.45 6.96
C HIS A 124 -14.50 3.37 6.57
C HIS A 124 -14.50 3.41 6.61
N SER A 125 -13.27 2.97 6.88
CA SER A 125 -12.09 3.74 6.52
C SER A 125 -11.92 3.83 5.00
N LEU A 126 -12.10 2.71 4.32
CA LEU A 126 -12.01 2.66 2.85
C LEU A 126 -13.01 3.63 2.19
N ARG A 127 -14.24 3.67 2.72
CA ARG A 127 -15.30 4.51 2.17
C ARG A 127 -15.02 6.00 2.37
N LYS A 128 -14.23 6.34 3.38
CA LYS A 128 -13.97 7.75 3.62
C LYS A 128 -12.77 8.26 2.83
N VAL A 129 -11.95 7.36 2.35
CA VAL A 129 -10.68 7.77 1.76
C VAL A 129 -10.42 7.26 0.34
N VAL A 130 -10.64 5.98 0.11
CA VAL A 130 -10.20 5.31 -1.11
C VAL A 130 -11.34 5.05 -2.09
N LEU A 131 -12.49 4.69 -1.54
CA LEU A 131 -13.58 4.18 -2.36
C LEU A 131 -14.95 4.58 -1.81
N PRO A 132 -15.25 5.88 -1.84
CA PRO A 132 -16.58 6.31 -1.40
C PRO A 132 -17.65 5.77 -2.35
N LYS A 133 -18.87 5.57 -1.86
CA LYS A 133 -19.97 5.14 -2.72
C LYS A 133 -20.27 6.22 -3.75
N SER A 134 -20.76 5.81 -4.92
CA SER A 134 -21.02 6.71 -6.04
C SER A 134 -21.86 7.94 -5.66
N ASN A 135 -22.85 7.73 -4.81
CA ASN A 135 -23.78 8.79 -4.45
C ASN A 135 -23.39 9.51 -3.16
N ASP A 136 -22.18 9.26 -2.67
CA ASP A 136 -21.69 9.93 -1.48
C ASP A 136 -21.15 11.30 -1.92
N PRO A 137 -21.72 12.39 -1.37
CA PRO A 137 -21.27 13.74 -1.71
C PRO A 137 -19.78 13.97 -1.43
N TRP A 138 -19.22 13.24 -0.47
CA TRP A 138 -17.80 13.36 -0.17
C TRP A 138 -16.93 12.96 -1.38
N LYS A 139 -17.45 12.10 -2.24
CA LYS A 139 -16.71 11.69 -3.42
C LYS A 139 -16.31 12.91 -4.28
N LEU A 140 -17.16 13.92 -4.31
CA LEU A 140 -16.87 15.10 -5.13
C LEU A 140 -15.75 15.92 -4.54
N LYS A 141 -15.66 15.89 -3.22
CA LYS A 141 -14.60 16.60 -2.51
C LYS A 141 -13.27 15.91 -2.70
N ILE A 142 -13.27 14.58 -2.62
CA ILE A 142 -12.05 13.83 -2.89
C ILE A 142 -11.52 14.13 -4.30
N GLU A 143 -12.42 14.13 -5.27
CA GLU A 143 -12.03 14.39 -6.65
C GLU A 143 -11.46 15.79 -6.82
N GLU A 144 -12.05 16.76 -6.13
CA GLU A 144 -11.56 18.15 -6.21
C GLU A 144 -10.16 18.27 -5.61
N GLY A 145 -9.94 17.61 -4.47
CA GLY A 145 -8.65 17.66 -3.81
C GLY A 145 -7.62 16.92 -4.63
N ASP A 146 -8.01 15.79 -5.21
CA ASP A 146 -7.11 15.03 -6.05
C ASP A 146 -6.60 15.84 -7.25
N LYS A 147 -7.46 16.67 -7.83
CA LYS A 147 -7.04 17.49 -8.96
C LYS A 147 -5.93 18.45 -8.55
N VAL A 148 -6.01 18.94 -7.33
CA VAL A 148 -4.96 19.83 -6.80
C VAL A 148 -3.62 19.09 -6.77
N LEU A 149 -3.66 17.79 -6.50
CA LEU A 149 -2.47 16.97 -6.50
C LEU A 149 -2.00 16.53 -7.89
N GLY A 150 -2.74 16.90 -8.93
CA GLY A 150 -2.38 16.52 -10.28
C GLY A 150 -2.86 15.13 -10.67
N LEU A 151 -3.78 14.58 -9.89
CA LEU A 151 -4.30 13.24 -10.15
C LEU A 151 -5.52 13.28 -11.05
N ASN A 152 -5.49 12.52 -12.14
CA ASN A 152 -6.62 12.51 -13.08
C ASN A 152 -7.27 11.14 -13.16
N SER A 153 -8.05 10.90 -14.22
CA SER A 153 -8.82 9.66 -14.35
C SER A 153 -7.93 8.41 -14.33
N ASP A 154 -6.71 8.52 -14.85
CA ASP A 154 -5.79 7.39 -14.89
C ASP A 154 -5.44 6.90 -13.49
N PHE A 155 -5.34 7.83 -12.54
CA PHE A 155 -5.05 7.46 -11.18
C PHE A 155 -6.16 6.61 -10.59
N TYR A 156 -7.40 7.01 -10.82
CA TYR A 156 -8.54 6.25 -10.32
C TYR A 156 -8.62 4.88 -10.95
N LYS A 157 -8.27 4.80 -12.23
CA LYS A 157 -8.26 3.52 -12.92
C LYS A 157 -7.23 2.59 -12.30
N LEU A 158 -6.06 3.13 -11.97
CA LEU A 158 -5.01 2.33 -11.35
C LEU A 158 -5.46 1.82 -9.97
N THR A 159 -6.12 2.69 -9.20
CA THR A 159 -6.62 2.26 -7.90
C THR A 159 -7.64 1.13 -8.04
N GLU A 160 -8.65 1.34 -8.89
CA GLU A 160 -9.64 0.30 -9.10
C GLU A 160 -9.06 -0.98 -9.67
N ASP A 161 -8.22 -0.87 -10.69
CA ASP A 161 -7.65 -2.06 -11.31
C ASP A 161 -6.71 -2.82 -10.39
N SER A 162 -5.99 -2.10 -9.52
CA SER A 162 -5.07 -2.76 -8.60
C SER A 162 -5.82 -3.48 -7.49
N LEU A 163 -6.98 -2.94 -7.13
CA LEU A 163 -7.84 -3.58 -6.15
C LEU A 163 -8.45 -4.84 -6.76
N LYS A 164 -8.98 -4.72 -7.97
CA LYS A 164 -9.53 -5.87 -8.66
C LYS A 164 -8.46 -6.94 -8.84
N PHE A 165 -7.23 -6.51 -9.06
CA PHE A 165 -6.13 -7.45 -9.23
C PHE A 165 -5.84 -8.18 -7.93
N ALA A 166 -5.81 -7.44 -6.83
CA ALA A 166 -5.57 -8.02 -5.51
C ALA A 166 -6.63 -9.05 -5.16
N PHE A 167 -7.88 -8.71 -5.46
CA PHE A 167 -9.02 -9.56 -5.14
C PHE A 167 -9.26 -10.63 -6.21
N GLN A 168 -8.48 -10.55 -7.30
CA GLN A 168 -8.61 -11.46 -8.44
C GLN A 168 -10.05 -11.50 -8.98
N LYS A 169 -10.59 -10.33 -9.26
CA LYS A 169 -11.92 -10.21 -9.84
C LYS A 169 -11.84 -9.52 -11.19
N ASP A 170 -12.51 -10.08 -12.20
CA ASP A 170 -12.57 -9.45 -13.52
C ASP A 170 -13.36 -8.16 -13.42
N ASP A 171 -14.36 -8.16 -12.53
CA ASP A 171 -15.03 -6.92 -12.17
C ASP A 171 -15.58 -7.04 -10.74
N LEU A 172 -16.15 -5.94 -10.26
CA LEU A 172 -16.33 -5.73 -8.85
C LEU A 172 -17.32 -4.59 -8.65
N ASN A 173 -18.44 -4.86 -8.01
CA ASN A 173 -19.40 -3.81 -7.69
C ASN A 173 -18.87 -3.01 -6.50
N PHE A 174 -18.15 -1.94 -6.79
CA PHE A 174 -17.50 -1.14 -5.74
C PHE A 174 -18.51 -0.49 -4.78
N ASP A 175 -19.78 -0.39 -5.19
CA ASP A 175 -20.79 0.23 -4.33
C ASP A 175 -21.42 -0.76 -3.37
N ASP A 176 -21.02 -2.03 -3.46
CA ASP A 176 -21.60 -3.09 -2.64
C ASP A 176 -20.72 -3.44 -1.44
N ASP A 177 -21.12 -3.01 -0.26
CA ASP A 177 -20.35 -3.28 0.97
C ASP A 177 -20.11 -4.78 1.21
N GLN A 178 -21.13 -5.61 0.96
CA GLN A 178 -21.02 -7.03 1.29
C GLN A 178 -19.96 -7.71 0.43
N VAL A 179 -19.94 -7.34 -0.85
CA VAL A 179 -18.93 -7.81 -1.78
C VAL A 179 -17.53 -7.44 -1.30
N LEU A 180 -17.37 -6.19 -0.88
CA LEU A 180 -16.06 -5.72 -0.44
C LEU A 180 -15.62 -6.44 0.84
N LEU A 181 -16.55 -6.61 1.79
CA LEU A 181 -16.23 -7.29 3.03
C LEU A 181 -15.79 -8.73 2.79
N GLU A 182 -16.49 -9.39 1.87
CA GLU A 182 -16.17 -10.77 1.55
C GLU A 182 -14.83 -10.88 0.81
N CYS A 183 -14.54 -9.92 -0.06
CA CYS A 183 -13.23 -9.91 -0.74
C CYS A 183 -12.10 -9.73 0.26
N TYR A 184 -12.33 -8.83 1.20
CA TYR A 184 -11.37 -8.56 2.27
C TYR A 184 -11.01 -9.82 3.05
N ASP A 185 -12.03 -10.52 3.55
CA ASP A 185 -11.78 -11.72 4.35
C ASP A 185 -11.10 -12.80 3.50
N GLU A 186 -11.54 -12.94 2.26
CA GLU A 186 -10.97 -13.94 1.37
C GLU A 186 -9.51 -13.65 1.05
N TYR A 187 -9.24 -12.38 0.75
CA TYR A 187 -7.86 -11.95 0.51
C TYR A 187 -6.93 -12.33 1.68
N ASN A 188 -7.28 -11.88 2.88
CA ASN A 188 -6.43 -12.11 4.04
C ASN A 188 -6.26 -13.59 4.34
N ARG A 189 -7.33 -14.35 4.10
CA ARG A 189 -7.29 -15.80 4.26
C ARG A 189 -6.27 -16.40 3.32
N LEU A 190 -6.31 -15.96 2.07
CA LEU A 190 -5.50 -16.54 1.02
C LEU A 190 -4.03 -16.27 1.26
N VAL A 191 -3.71 -15.06 1.73
CA VAL A 191 -2.32 -14.73 2.04
C VAL A 191 -1.76 -15.70 3.08
N GLN A 192 -2.50 -15.93 4.15
CA GLN A 192 -2.04 -16.81 5.22
C GLN A 192 -1.98 -18.27 4.78
N GLU A 193 -2.76 -18.61 3.75
CA GLU A 193 -2.71 -19.95 3.18
C GLU A 193 -1.55 -20.09 2.19
N THR A 194 -1.22 -19.00 1.51
CA THR A 194 -0.21 -19.05 0.43
C THR A 194 1.23 -18.91 0.93
N VAL A 195 1.46 -18.04 1.91
CA VAL A 195 2.81 -17.77 2.37
C VAL A 195 3.20 -18.72 3.50
N PRO A 196 4.36 -19.39 3.38
CA PRO A 196 4.83 -20.26 4.48
C PRO A 196 4.91 -19.48 5.77
N SER A 197 4.39 -20.05 6.85
CA SER A 197 4.31 -19.36 8.14
C SER A 197 5.67 -18.86 8.61
N ASP A 198 6.73 -19.51 8.18
CA ASP A 198 8.08 -19.11 8.52
C ASP A 198 8.43 -17.77 7.89
N ARG A 199 7.78 -17.46 6.78
CA ARG A 199 8.11 -16.28 6.01
C ARG A 199 7.11 -15.15 6.21
N LEU A 200 6.09 -15.41 7.02
CA LEU A 200 4.99 -14.47 7.20
C LEU A 200 4.88 -13.95 8.64
N LEU A 201 4.63 -12.65 8.77
CA LEU A 201 4.24 -12.07 10.06
C LEU A 201 2.90 -11.37 9.88
N VAL A 202 1.91 -11.75 10.68
CA VAL A 202 0.62 -11.06 10.63
C VAL A 202 0.57 -9.96 11.69
N LEU A 203 0.36 -8.73 11.26
CA LEU A 203 0.36 -7.56 12.14
C LEU A 203 -1.04 -6.96 12.28
N ARG A 204 -1.61 -7.03 13.47
CA ARG A 204 -2.90 -6.39 13.69
C ARG A 204 -2.61 -4.95 14.04
N LEU A 205 -3.49 -4.04 13.62
CA LEU A 205 -3.32 -2.63 13.92
C LEU A 205 -3.12 -2.46 15.41
N GLY A 206 -2.12 -1.68 15.79
CA GLY A 206 -1.83 -1.42 17.18
C GLY A 206 -0.73 -2.28 17.78
N ASP A 207 -0.25 -3.25 17.02
CA ASP A 207 0.76 -4.19 17.52
C ASP A 207 2.11 -3.55 17.85
N GLY A 208 2.45 -2.45 17.17
CA GLY A 208 3.66 -1.71 17.48
C GLY A 208 4.98 -2.31 17.00
N TRP A 209 6.10 -1.82 17.53
CA TRP A 209 7.44 -2.19 17.07
C TRP A 209 7.80 -3.66 17.28
N GLU A 210 7.38 -4.21 18.41
CA GLU A 210 8.04 -5.40 18.96
C GLU A 210 7.99 -6.66 18.08
N PRO A 211 6.79 -7.08 17.61
CA PRO A 211 6.84 -8.29 16.79
C PRO A 211 7.52 -8.05 15.43
N LEU A 212 7.37 -6.84 14.91
CA LEU A 212 7.99 -6.48 13.63
C LEU A 212 9.50 -6.55 13.75
N CYS A 213 10.04 -5.90 14.78
CA CYS A 213 11.49 -5.87 14.91
C CYS A 213 12.06 -7.25 15.23
N LYS A 214 11.33 -8.07 15.98
CA LYS A 214 11.83 -9.42 16.24
C LYS A 214 11.89 -10.22 14.94
N PHE A 215 10.84 -10.11 14.13
CA PHE A 215 10.74 -10.80 12.85
C PHE A 215 11.88 -10.42 11.90
N LEU A 216 12.31 -9.16 11.98
CA LEU A 216 13.33 -8.61 11.08
C LEU A 216 14.73 -8.62 11.68
N ASN A 217 14.85 -9.11 12.91
CA ASN A 217 16.14 -9.15 13.62
C ASN A 217 16.82 -7.79 13.76
N VAL A 218 16.03 -6.76 14.02
CA VAL A 218 16.60 -5.44 14.30
C VAL A 218 16.22 -4.94 15.68
N GLU A 219 17.00 -3.99 16.19
CA GLU A 219 16.71 -3.40 17.48
C GLU A 219 15.50 -2.49 17.33
N ILE A 220 14.70 -2.37 18.40
CA ILE A 220 13.62 -1.40 18.42
C ILE A 220 14.24 0.00 18.42
N PRO A 221 13.80 0.87 17.48
CA PRO A 221 14.34 2.23 17.36
C PRO A 221 14.22 3.00 18.66
N ASN A 222 15.36 3.52 19.11
CA ASN A 222 15.43 4.13 20.43
C ASN A 222 14.69 5.47 20.51
N GLY A 223 13.75 5.56 21.44
CA GLY A 223 13.05 6.80 21.71
C GLY A 223 12.02 7.20 20.67
N ILE A 224 11.76 6.33 19.71
CA ILE A 224 10.80 6.61 18.64
C ILE A 224 9.55 5.74 18.80
N ASP A 225 8.39 6.36 18.98
CA ASP A 225 7.12 5.63 19.06
C ASP A 225 6.78 5.04 17.69
N TYR A 226 6.05 3.93 17.68
CA TYR A 226 5.63 3.35 16.39
C TYR A 226 4.68 4.32 15.69
N PRO A 227 4.86 4.53 14.38
CA PRO A 227 4.05 5.52 13.67
C PRO A 227 2.54 5.31 13.83
N CYS A 228 1.83 6.41 13.99
CA CYS A 228 0.37 6.38 13.96
C CYS A 228 -0.12 7.50 13.06
N VAL A 229 -0.19 7.24 11.76
CA VAL A 229 -0.52 8.27 10.78
C VAL A 229 -1.59 7.80 9.82
N ASN A 230 -2.13 8.75 9.04
CA ASN A 230 -3.01 8.46 7.92
C ASN A 230 -4.42 8.02 8.34
N SER A 231 -4.90 8.54 9.49
CA SER A 231 -6.29 8.32 9.89
C SER A 231 -7.24 8.96 8.89
N HIS A 232 -8.47 8.45 8.79
CA HIS A 232 -9.38 9.06 7.83
C HIS A 232 -9.70 10.51 8.24
N HIS A 233 -9.70 10.79 9.54
CA HIS A 233 -9.91 12.15 10.01
C HIS A 233 -8.86 13.08 9.45
N GLN A 234 -7.60 12.62 9.47
CA GLN A 234 -6.50 13.40 8.93
C GLN A 234 -6.59 13.55 7.41
N MET A 235 -6.99 12.48 6.73
N MET A 235 -7.01 12.50 6.72
CA MET A 235 -7.18 12.50 5.29
CA MET A 235 -7.14 12.55 5.28
C MET A 235 -8.26 13.51 4.91
C MET A 235 -8.27 13.51 4.88
N THR A 236 -9.32 13.54 5.69
CA THR A 236 -10.40 14.49 5.46
C THR A 236 -9.90 15.92 5.61
N GLN A 237 -9.06 16.16 6.62
CA GLN A 237 -8.47 17.50 6.79
C GLN A 237 -7.56 17.86 5.61
N LEU A 238 -6.77 16.90 5.14
CA LEU A 238 -5.90 17.16 3.98
C LEU A 238 -6.71 17.53 2.75
N THR A 239 -7.77 16.77 2.49
CA THR A 239 -8.65 17.04 1.36
C THR A 239 -9.23 18.46 1.43
N GLU A 240 -9.74 18.82 2.61
CA GLU A 240 -10.35 20.13 2.77
C GLU A 240 -9.33 21.25 2.63
N GLN A 241 -8.12 21.03 3.15
CA GLN A 241 -7.06 22.03 3.03
C GLN A 241 -6.58 22.16 1.57
N LEU A 242 -6.56 21.06 0.83
CA LEU A 242 -6.15 21.11 -0.58
C LEU A 242 -7.16 21.95 -1.37
N ILE A 243 -8.42 21.77 -1.04
CA ILE A 243 -9.50 22.51 -1.71
C ILE A 243 -9.42 24.01 -1.37
N LYS A 244 -9.12 24.31 -0.12
CA LYS A 244 -9.09 25.69 0.37
C LYS A 244 -7.90 26.48 -0.22
N TYR A 245 -6.73 25.86 -0.23
CA TYR A 245 -5.51 26.57 -0.65
C TYR A 245 -5.15 26.36 -2.13
N LYS A 246 -5.66 25.26 -2.70
CA LYS A 246 -5.44 24.93 -4.13
C LYS A 246 -3.98 24.67 -4.48
N SER A 247 -3.19 24.22 -3.50
CA SER A 247 -1.87 23.68 -3.79
C SER A 247 -1.37 22.84 -2.63
N LEU A 248 -0.52 21.87 -2.94
CA LEU A 248 0.09 21.06 -1.90
C LEU A 248 1.16 21.85 -1.14
N ASP A 249 1.98 22.59 -1.87
CA ASP A 249 3.12 23.25 -1.23
C ASP A 249 2.68 24.34 -0.27
N ALA A 250 1.45 24.85 -0.43
CA ALA A 250 0.95 25.84 0.51
C ALA A 250 0.67 25.24 1.88
N ILE A 251 0.38 23.94 1.94
CA ILE A 251 -0.07 23.33 3.19
C ILE A 251 0.79 22.20 3.73
N ILE A 252 1.83 21.85 3.00
CA ILE A 252 2.55 20.61 3.30
C ILE A 252 3.25 20.69 4.66
N HIS A 253 3.56 21.90 5.12
CA HIS A 253 4.17 22.07 6.44
C HIS A 253 3.19 21.69 7.55
N MET A 254 1.90 21.61 7.22
CA MET A 254 0.86 21.24 8.19
C MET A 254 0.72 19.74 8.36
N PHE A 255 1.33 18.97 7.47
CA PHE A 255 1.19 17.52 7.50
C PHE A 255 2.56 16.85 7.49
N PRO A 256 3.28 16.96 8.60
CA PRO A 256 4.69 16.55 8.69
C PRO A 256 4.98 15.07 8.41
N ASP A 257 4.27 14.16 9.06
CA ASP A 257 4.66 12.75 9.01
C ASP A 257 3.77 11.97 8.06
N LEU A 258 2.66 12.58 7.67
CA LEU A 258 1.76 12.00 6.72
C LEU A 258 2.31 12.13 5.29
N ILE A 259 3.00 13.24 5.02
CA ILE A 259 3.48 13.47 3.67
C ILE A 259 4.99 13.69 3.63
P1 A3P B . -8.81 4.88 10.20
O1P A3P B . -9.92 4.02 10.75
O2P A3P B . -9.16 5.45 8.83
O3P A3P B . -8.46 6.02 11.13
P2 A3P B . -3.39 3.05 5.66
O4P A3P B . -3.12 1.62 5.24
O5P A3P B . -2.15 3.82 5.96
O6P A3P B . -4.30 3.77 4.69
O5' A3P B . -4.18 2.82 7.04
C5' A3P B . -4.62 3.93 7.83
C4' A3P B . -5.53 3.39 8.91
O4' A3P B . -4.75 2.69 9.92
C3' A3P B . -6.23 4.50 9.64
O3' A3P B . -7.49 3.97 10.11
C2' A3P B . -5.30 4.77 10.77
O2' A3P B . -5.95 5.44 11.84
C1' A3P B . -4.90 3.39 11.18
N9 A3P B . -3.65 3.34 11.85
C8 A3P B . -2.46 3.65 11.33
N7 A3P B . -1.50 3.49 12.24
C5 A3P B . -2.09 3.05 13.39
C6 A3P B . -1.61 2.69 14.69
N6 A3P B . -0.24 2.76 15.00
N1 A3P B . -2.49 2.29 15.62
C2 A3P B . -3.78 2.22 15.34
N3 A3P B . -4.28 2.54 14.15
C4 A3P B . -3.46 2.96 13.15
C8 OQR C . -3.70 10.30 -1.75
C9 OQR C . -3.88 9.19 -0.72
C6 OQR C . -4.43 8.05 -1.31
C1 OQR C . -4.08 6.77 -0.85
C2 OQR C . -4.62 5.61 -1.42
C10 OQR C . -4.25 4.34 -0.93
O3 OQR C . -3.03 4.38 -0.16
C3 OQR C . -5.54 5.79 -2.47
N2 OQR C . -6.14 4.77 -3.10
O1 OQR C . -7.38 5.09 -3.70
O2 OQR C . -5.48 3.41 -3.30
C4 OQR C . -5.90 7.06 -2.91
C5 OQR C . -5.35 8.19 -2.34
N1 OQR C . -5.71 9.46 -2.84
C7 OQR C . -5.04 10.67 -2.35
C11 OQR C . -5.85 11.35 -1.27
N3 OQR C . -7.01 12.04 -1.82
C14 OQR C . -6.86 13.46 -1.47
C12 OQR C . -6.50 13.62 0.00
C13 OQR C . -8.14 14.24 -1.82
#